data_3P95
#
_entry.id   3P95
#
_cell.length_a   43.915
_cell.length_b   39.095
_cell.length_c   68.460
_cell.angle_alpha   90.000
_cell.angle_beta   100.130
_cell.angle_gamma   90.000
#
_symmetry.space_group_name_H-M   'P 1 21 1'
#
loop_
_entity.id
_entity.type
_entity.pdbx_description
1 polymer 'PRSS3 protein'
2 polymer 'Pancreatic trypsin inhibitor'
3 non-polymer 'CALCIUM ION'
4 water water
#
loop_
_entity_poly.entity_id
_entity_poly.type
_entity_poly.pdbx_seq_one_letter_code
_entity_poly.pdbx_strand_id
1 'polypeptide(L)'
;IVGGYTCEENSLPYQVSLNSGSHFCGGSLISEQWVVSAAHCYKTRIQVRLGEHNIKVLEGNEQFINAAKIIRHPKYNRDT
LDNDIMLIKLSSPAVINARVSTISLPTAPPAAGTECLISGWGNTLSFGADYPDELKCLDAPVLTQAECKASYPGKITNSM
FCVGFLEGGKDSCQRDAGGPVVCNGQLQGVVSWGHGCAWKNRPGVYTKVYNYVDWIKDTIAANS
;
A
2 'polypeptide(L)' RPDFCLEPPYTGPCRADIIRYFYNAKAGLCQTFVYGGCRAKRNNFKSAEDCMRTCGGA E
#
loop_
_chem_comp.id
_chem_comp.type
_chem_comp.name
_chem_comp.formula
CA non-polymer 'CALCIUM ION' 'Ca 2'
#
# COMPACT_ATOMS: atom_id res chain seq x y z
N ILE A 1 8.93 3.97 -2.24
CA ILE A 1 10.08 3.05 -2.21
C ILE A 1 11.34 3.88 -1.93
N VAL A 2 12.03 3.53 -0.84
CA VAL A 2 13.26 4.15 -0.40
C VAL A 2 14.43 3.27 -0.81
N GLY A 3 15.46 3.85 -1.43
CA GLY A 3 16.64 3.08 -1.80
C GLY A 3 16.52 2.18 -3.02
N GLY A 4 15.49 2.43 -3.81
CA GLY A 4 15.29 1.71 -5.03
C GLY A 4 15.74 2.44 -6.26
N TYR A 5 15.09 2.17 -7.35
CA TYR A 5 15.44 2.73 -8.65
C TYR A 5 14.18 2.87 -9.47
N THR A 6 14.26 3.68 -10.53
CA THR A 6 13.09 3.84 -11.34
C THR A 6 12.92 2.60 -12.22
N CYS A 7 11.74 2.03 -12.18
CA CYS A 7 11.44 0.84 -12.96
C CYS A 7 11.55 1.18 -14.44
N GLU A 8 11.89 0.20 -15.25
CA GLU A 8 11.77 0.42 -16.73
C GLU A 8 10.30 0.67 -17.06
N GLU A 9 10.05 1.59 -17.97
CA GLU A 9 8.67 2.02 -18.21
C GLU A 9 7.76 0.90 -18.67
N ASN A 10 6.65 0.74 -17.95
CA ASN A 10 5.63 -0.27 -18.24
C ASN A 10 6.16 -1.70 -18.19
N SER A 11 7.27 -1.93 -17.49
CA SER A 11 7.81 -3.28 -17.31
C SER A 11 7.14 -4.08 -16.19
N LEU A 12 6.31 -3.42 -15.42
CA LEU A 12 5.48 -4.05 -14.38
CA LEU A 12 5.48 -4.06 -14.35
C LEU A 12 4.01 -3.81 -14.75
N PRO A 13 3.52 -4.53 -15.77
CA PRO A 13 2.21 -4.14 -16.34
C PRO A 13 1.05 -4.45 -15.40
N TYR A 14 1.31 -5.21 -14.35
CA TYR A 14 0.35 -5.54 -13.30
C TYR A 14 0.23 -4.47 -12.24
N GLN A 15 1.16 -3.52 -12.17
CA GLN A 15 1.12 -2.48 -11.13
C GLN A 15 0.02 -1.47 -11.42
N VAL A 16 -0.81 -1.22 -10.44
CA VAL A 16 -1.83 -0.14 -10.59
C VAL A 16 -1.65 0.91 -9.50
N SER A 17 -2.20 2.07 -9.80
CA SER A 17 -2.29 3.15 -8.83
C SER A 17 -3.73 3.32 -8.44
N LEU A 18 -4.01 3.43 -7.14
CA LEU A 18 -5.34 3.75 -6.62
C LEU A 18 -5.40 5.24 -6.36
N ASN A 19 -6.41 5.87 -6.94
CA ASN A 19 -6.52 7.31 -6.96
C ASN A 19 -7.86 7.75 -6.39
N SER A 20 -7.80 8.72 -5.49
CA SER A 20 -8.96 9.42 -5.03
C SER A 20 -8.52 10.84 -4.78
N GLY A 21 -8.72 11.67 -5.79
CA GLY A 21 -8.03 13.01 -5.75
C GLY A 21 -6.62 12.85 -6.27
N SER A 22 -5.78 12.14 -5.51
CA SER A 22 -4.39 11.85 -5.79
C SER A 22 -4.16 10.36 -5.57
N HIS A 23 -3.04 9.93 -6.04
CA HIS A 23 -2.57 8.58 -5.77
C HIS A 23 -2.44 8.41 -4.22
N PHE A 24 -3.02 7.31 -3.71
CA PHE A 24 -2.91 7.07 -2.26
C PHE A 24 -2.44 5.67 -1.89
N CYS A 25 -2.48 4.75 -2.85
CA CYS A 25 -2.11 3.36 -2.61
C CYS A 25 -1.81 2.71 -3.95
N GLY A 26 -1.12 1.59 -3.89
CA GLY A 26 -0.96 0.73 -5.06
C GLY A 26 -1.92 -0.46 -5.06
N GLY A 27 -1.77 -1.29 -6.08
CA GLY A 27 -2.53 -2.50 -6.23
C GLY A 27 -1.88 -3.34 -7.32
N SER A 28 -2.41 -4.55 -7.51
CA SER A 28 -1.94 -5.47 -8.49
C SER A 28 -3.10 -6.05 -9.31
N LEU A 29 -2.97 -6.02 -10.61
CA LEU A 29 -4.03 -6.57 -11.48
C LEU A 29 -3.86 -8.09 -11.55
N ILE A 30 -4.88 -8.81 -11.11
CA ILE A 30 -4.85 -10.26 -11.10
C ILE A 30 -5.79 -10.92 -12.12
N SER A 31 -6.74 -10.17 -12.64
CA SER A 31 -7.53 -10.65 -13.76
CA SER A 31 -7.72 -10.67 -13.59
C SER A 31 -8.02 -9.47 -14.49
N GLU A 32 -8.75 -9.66 -15.57
CA GLU A 32 -9.17 -8.55 -16.37
C GLU A 32 -9.99 -7.54 -15.57
N GLN A 33 -10.70 -8.00 -14.55
CA GLN A 33 -11.63 -7.18 -13.84
CA GLN A 33 -11.55 -7.08 -13.83
C GLN A 33 -11.32 -7.00 -12.33
N TRP A 34 -10.21 -7.56 -11.86
CA TRP A 34 -9.95 -7.59 -10.42
C TRP A 34 -8.51 -7.18 -10.06
N VAL A 35 -8.43 -6.40 -8.98
CA VAL A 35 -7.19 -5.90 -8.40
C VAL A 35 -7.13 -6.30 -6.94
N VAL A 36 -5.93 -6.69 -6.53
CA VAL A 36 -5.62 -6.92 -5.11
C VAL A 36 -4.92 -5.72 -4.54
N SER A 37 -5.32 -5.33 -3.32
CA SER A 37 -4.68 -4.26 -2.59
C SER A 37 -4.73 -4.57 -1.08
N ALA A 38 -4.44 -3.56 -0.26
CA ALA A 38 -4.46 -3.70 1.20
C ALA A 38 -5.81 -3.21 1.72
N ALA A 39 -6.35 -3.88 2.76
CA ALA A 39 -7.57 -3.45 3.38
C ALA A 39 -7.47 -2.05 3.99
N HIS A 40 -6.30 -1.63 4.44
CA HIS A 40 -6.21 -0.31 5.05
C HIS A 40 -6.25 0.78 3.97
N CYS A 41 -6.17 0.39 2.69
CA CYS A 41 -6.38 1.30 1.56
C CYS A 41 -7.84 1.53 1.21
N TYR A 42 -8.77 0.95 1.99
CA TYR A 42 -10.18 1.06 1.68
C TYR A 42 -10.63 2.52 1.66
N LYS A 43 -11.40 2.85 0.63
CA LYS A 43 -12.26 4.01 0.51
C LYS A 43 -13.50 3.59 -0.19
N THR A 44 -14.60 4.33 -0.06
CA THR A 44 -15.89 3.99 -0.62
CA THR A 44 -15.85 3.87 -0.65
C THR A 44 -15.88 4.08 -2.13
N ARG A 45 -15.03 4.96 -2.68
CA ARG A 45 -14.90 5.18 -4.09
C ARG A 45 -13.42 5.23 -4.44
N ILE A 46 -13.03 4.51 -5.48
CA ILE A 46 -11.61 4.45 -5.92
C ILE A 46 -11.60 4.46 -7.40
N GLN A 47 -10.69 5.24 -8.01
CA GLN A 47 -10.38 5.11 -9.44
C GLN A 47 -9.09 4.33 -9.56
N VAL A 48 -9.12 3.27 -10.32
CA VAL A 48 -7.92 2.45 -10.57
C VAL A 48 -7.26 2.95 -11.86
N ARG A 49 -5.96 3.21 -11.76
CA ARG A 49 -5.20 3.71 -12.90
C ARG A 49 -4.18 2.69 -13.29
N LEU A 50 -4.38 2.11 -14.46
CA LEU A 50 -3.57 1.03 -15.05
C LEU A 50 -2.67 1.60 -16.15
N GLY A 51 -1.56 0.92 -16.42
CA GLY A 51 -0.68 1.34 -17.53
C GLY A 51 0.13 2.60 -17.20
N GLU A 52 0.27 2.93 -15.94
CA GLU A 52 1.00 4.13 -15.56
C GLU A 52 2.48 3.92 -15.42
N HIS A 53 3.24 4.96 -15.72
CA HIS A 53 4.63 5.05 -15.33
C HIS A 53 4.85 6.34 -14.56
N ASN A 54 4.65 7.46 -15.25
CA ASN A 54 4.67 8.75 -14.61
C ASN A 54 3.24 9.13 -14.29
N ILE A 55 2.85 9.15 -12.99
CA ILE A 55 1.46 9.36 -12.64
C ILE A 55 1.01 10.80 -12.78
N LYS A 56 1.93 11.71 -13.09
CA LYS A 56 1.55 13.16 -13.26
C LYS A 56 1.39 13.55 -14.71
N VAL A 57 1.81 12.77 -15.68
CA VAL A 57 1.81 13.12 -17.12
C VAL A 57 1.07 12.05 -17.92
N LEU A 58 0.19 12.40 -18.82
CA LEU A 58 -0.42 11.46 -19.71
C LEU A 58 0.62 11.00 -20.72
N GLU A 59 0.84 9.69 -20.79
CA GLU A 59 1.83 9.06 -21.63
C GLU A 59 1.22 8.25 -22.74
N GLY A 60 -0.08 8.01 -22.67
CA GLY A 60 -0.78 7.34 -23.72
C GLY A 60 -1.02 5.86 -23.54
N ASN A 61 -0.58 5.28 -22.43
CA ASN A 61 -0.83 3.87 -22.13
C ASN A 61 -1.79 3.63 -21.00
N GLU A 62 -2.27 4.70 -20.40
CA GLU A 62 -3.09 4.62 -19.21
C GLU A 62 -4.52 4.15 -19.51
N GLN A 63 -5.10 3.49 -18.52
CA GLN A 63 -6.52 3.20 -18.52
C GLN A 63 -6.99 3.57 -17.13
N PHE A 64 -8.02 4.37 -17.06
CA PHE A 64 -8.58 4.84 -15.79
C PHE A 64 -9.97 4.19 -15.67
N ILE A 65 -10.17 3.38 -14.65
CA ILE A 65 -11.42 2.59 -14.52
C ILE A 65 -11.88 2.69 -13.06
N ASN A 66 -13.09 3.16 -12.83
CA ASN A 66 -13.59 3.28 -11.47
C ASN A 66 -13.89 1.89 -10.90
N ALA A 67 -13.68 1.76 -9.60
CA ALA A 67 -14.04 0.55 -8.91
C ALA A 67 -15.59 0.41 -8.81
N ALA A 68 -16.08 -0.77 -9.12
CA ALA A 68 -17.50 -1.11 -8.96
C ALA A 68 -17.77 -1.78 -7.64
N LYS A 69 -16.82 -2.53 -7.09
CA LYS A 69 -17.01 -3.18 -5.78
C LYS A 69 -15.66 -3.16 -5.09
N ILE A 70 -15.66 -2.97 -3.77
CA ILE A 70 -14.45 -2.90 -2.98
C ILE A 70 -14.71 -3.74 -1.76
N ILE A 71 -13.94 -4.81 -1.63
CA ILE A 71 -14.25 -5.88 -0.66
C ILE A 71 -13.02 -6.13 0.21
N ARG A 72 -13.08 -5.73 1.48
CA ARG A 72 -12.04 -6.01 2.39
C ARG A 72 -12.16 -7.44 2.90
N HIS A 73 -11.04 -8.05 3.26
CA HIS A 73 -11.10 -9.36 3.87
C HIS A 73 -11.98 -9.29 5.14
N PRO A 74 -12.86 -10.26 5.36
CA PRO A 74 -13.81 -10.16 6.47
C PRO A 74 -13.14 -10.23 7.84
N LYS A 75 -11.92 -10.74 7.90
CA LYS A 75 -11.21 -10.82 9.15
C LYS A 75 -10.13 -9.76 9.31
N TYR A 76 -10.12 -8.76 8.46
CA TYR A 76 -9.20 -7.64 8.66
C TYR A 76 -9.43 -7.05 10.04
N ASN A 77 -8.34 -6.82 10.75
CA ASN A 77 -8.38 -6.17 12.04
C ASN A 77 -7.56 -4.94 11.99
N ARG A 78 -8.17 -3.79 12.13
CA ARG A 78 -7.49 -2.52 11.96
C ARG A 78 -6.53 -2.16 13.08
N ASP A 79 -6.54 -2.93 14.15
CA ASP A 79 -5.60 -2.67 15.24
CA ASP A 79 -5.66 -2.73 15.29
C ASP A 79 -4.39 -3.59 15.29
N THR A 80 -4.60 -4.88 15.01
CA THR A 80 -3.49 -5.81 14.87
C THR A 80 -2.91 -5.83 13.46
N LEU A 81 -3.68 -5.34 12.49
CA LEU A 81 -3.36 -5.34 11.05
C LEU A 81 -3.41 -6.72 10.43
N ASP A 82 -3.98 -7.67 11.14
CA ASP A 82 -4.14 -9.02 10.62
C ASP A 82 -5.05 -8.99 9.38
N ASN A 83 -4.72 -9.85 8.41
CA ASN A 83 -5.55 -10.01 7.19
C ASN A 83 -5.71 -8.73 6.42
N ASP A 84 -4.60 -8.01 6.21
CA ASP A 84 -4.64 -6.75 5.53
C ASP A 84 -4.63 -6.93 4.00
N ILE A 85 -5.79 -7.26 3.44
CA ILE A 85 -5.91 -7.53 2.01
C ILE A 85 -7.37 -7.17 1.61
N MET A 86 -7.48 -6.76 0.35
CA MET A 86 -8.75 -6.33 -0.23
C MET A 86 -8.75 -6.63 -1.70
N LEU A 87 -9.96 -6.77 -2.23
CA LEU A 87 -10.20 -6.93 -3.64
C LEU A 87 -11.00 -5.76 -4.18
N ILE A 88 -10.67 -5.34 -5.36
CA ILE A 88 -11.40 -4.32 -6.08
C ILE A 88 -11.86 -4.90 -7.41
N LYS A 89 -13.16 -4.81 -7.68
CA LYS A 89 -13.71 -5.18 -8.99
C LYS A 89 -13.80 -3.91 -9.82
N LEU A 90 -13.25 -3.93 -11.01
CA LEU A 90 -13.33 -2.81 -11.95
C LEU A 90 -14.70 -2.73 -12.58
N SER A 91 -15.15 -1.51 -12.86
CA SER A 91 -16.46 -1.35 -13.47
CA SER A 91 -16.43 -1.26 -13.50
C SER A 91 -16.52 -1.86 -14.90
N SER A 92 -15.40 -1.90 -15.57
CA SER A 92 -15.31 -2.53 -16.92
C SER A 92 -13.98 -3.25 -16.94
N PRO A 93 -13.85 -4.25 -17.80
CA PRO A 93 -12.61 -5.01 -17.83
C PRO A 93 -11.48 -4.09 -18.36
N ALA A 94 -10.30 -4.31 -17.81
CA ALA A 94 -9.12 -3.70 -18.39
C ALA A 94 -8.81 -4.29 -19.72
N VAL A 95 -8.28 -3.48 -20.61
CA VAL A 95 -7.79 -4.02 -21.89
C VAL A 95 -6.39 -4.57 -21.67
N ILE A 96 -6.23 -5.86 -21.82
CA ILE A 96 -4.99 -6.52 -21.60
C ILE A 96 -4.14 -6.37 -22.81
N ASN A 97 -2.91 -5.88 -22.65
CA ASN A 97 -2.01 -5.57 -23.75
C ASN A 97 -0.57 -5.65 -23.20
N ALA A 98 0.39 -5.17 -23.98
CA ALA A 98 1.78 -5.28 -23.54
C ALA A 98 2.05 -4.47 -22.31
N ARG A 99 1.29 -3.41 -22.06
CA ARG A 99 1.53 -2.52 -20.94
C ARG A 99 0.60 -2.64 -19.75
N VAL A 100 -0.45 -3.46 -19.88
CA VAL A 100 -1.41 -3.70 -18.83
C VAL A 100 -1.75 -5.19 -18.88
N SER A 101 -1.37 -5.91 -17.85
CA SER A 101 -1.50 -7.33 -17.83
CA SER A 101 -1.59 -7.36 -17.85
C SER A 101 -1.49 -7.86 -16.41
N THR A 102 -1.81 -9.13 -16.23
CA THR A 102 -1.99 -9.67 -14.92
C THR A 102 -0.75 -10.30 -14.34
N ILE A 103 -0.76 -10.44 -13.01
CA ILE A 103 0.28 -11.19 -12.33
C ILE A 103 -0.36 -12.42 -11.70
N SER A 104 0.31 -13.56 -11.80
CA SER A 104 -0.23 -14.82 -11.31
CA SER A 104 -0.26 -14.81 -11.32
C SER A 104 -0.31 -14.87 -9.81
N LEU A 105 -1.37 -15.50 -9.31
CA LEU A 105 -1.44 -15.87 -7.91
C LEU A 105 -0.43 -16.98 -7.64
N PRO A 106 0.03 -17.07 -6.39
CA PRO A 106 1.11 -18.03 -6.09
C PRO A 106 0.58 -19.41 -5.83
N THR A 107 1.42 -20.42 -6.14
CA THR A 107 1.14 -21.80 -5.82
C THR A 107 1.86 -22.33 -4.59
N ALA A 108 2.79 -21.52 -4.06
CA ALA A 108 3.46 -21.83 -2.81
C ALA A 108 3.99 -20.49 -2.31
N PRO A 109 4.09 -20.33 -0.99
CA PRO A 109 4.64 -19.04 -0.49
C PRO A 109 6.18 -19.05 -0.68
N PRO A 110 6.81 -17.84 -0.64
CA PRO A 110 8.22 -17.76 -1.07
C PRO A 110 9.14 -18.12 0.09
N ALA A 111 10.17 -18.87 -0.20
CA ALA A 111 11.14 -19.25 0.78
C ALA A 111 11.93 -18.04 1.26
N ALA A 112 12.39 -18.11 2.51
CA ALA A 112 13.34 -17.15 3.00
C ALA A 112 14.53 -17.06 2.04
N GLY A 113 15.03 -15.84 1.86
CA GLY A 113 16.12 -15.57 0.95
C GLY A 113 15.74 -15.34 -0.49
N THR A 114 14.49 -15.65 -0.86
CA THR A 114 14.07 -15.45 -2.24
C THR A 114 14.12 -13.97 -2.56
N GLU A 115 14.64 -13.62 -3.73
CA GLU A 115 14.69 -12.23 -4.21
CA GLU A 115 14.67 -12.20 -4.09
C GLU A 115 13.36 -11.86 -4.82
N CYS A 116 12.78 -10.76 -4.40
CA CYS A 116 11.50 -10.29 -4.87
C CYS A 116 11.61 -8.87 -5.37
N LEU A 117 10.60 -8.45 -6.12
CA LEU A 117 10.50 -7.11 -6.66
C LEU A 117 9.31 -6.41 -6.02
N ILE A 118 9.62 -5.31 -5.35
CA ILE A 118 8.62 -4.46 -4.67
C ILE A 118 8.53 -3.15 -5.43
N SER A 119 7.34 -2.60 -5.63
CA SER A 119 7.22 -1.42 -6.49
C SER A 119 6.11 -0.50 -6.03
N GLY A 120 6.23 0.76 -6.39
CA GLY A 120 5.18 1.71 -6.11
C GLY A 120 5.64 3.17 -6.24
N TRP A 121 4.68 4.06 -6.02
CA TRP A 121 4.90 5.51 -6.07
C TRP A 121 4.96 6.11 -4.67
N GLY A 122 5.39 5.30 -3.73
CA GLY A 122 5.53 5.76 -2.36
C GLY A 122 6.70 6.71 -2.13
N ASN A 123 6.75 7.23 -0.91
CA ASN A 123 7.83 8.15 -0.54
C ASN A 123 9.18 7.48 -0.75
N THR A 124 10.11 8.27 -1.26
CA THR A 124 11.45 7.86 -1.57
C THR A 124 12.48 8.25 -0.51
N LEU A 125 12.03 8.85 0.58
CA LEU A 125 12.88 9.20 1.72
C LEU A 125 12.38 8.59 3.02
N SER A 126 13.35 8.21 3.85
CA SER A 126 13.14 7.68 5.24
C SER A 126 12.80 8.78 6.21
N PHE A 127 13.13 10.02 5.82
CA PHE A 127 12.78 11.22 6.64
C PHE A 127 12.58 12.28 5.54
N GLY A 128 11.38 12.81 5.40
CA GLY A 128 11.08 13.79 4.35
C GLY A 128 9.88 13.36 3.53
N ALA A 129 9.54 14.03 2.42
CA ALA A 129 8.34 13.78 1.62
C ALA A 129 8.63 13.92 0.15
N ASP A 130 9.29 12.93 -0.39
CA ASP A 130 9.70 13.04 -1.79
C ASP A 130 8.90 11.95 -2.52
N TYR A 131 7.70 12.31 -2.94
CA TYR A 131 6.80 11.38 -3.62
C TYR A 131 7.12 11.48 -5.10
N PRO A 132 7.52 10.41 -5.72
CA PRO A 132 8.01 10.47 -7.09
C PRO A 132 6.86 10.48 -8.10
N ASP A 133 7.15 11.02 -9.26
CA ASP A 133 6.24 10.91 -10.35
CA ASP A 133 6.20 10.92 -10.34
C ASP A 133 6.32 9.60 -11.07
N GLU A 134 7.54 9.04 -11.16
CA GLU A 134 7.76 7.77 -11.89
C GLU A 134 7.80 6.56 -10.92
N LEU A 135 7.31 5.44 -11.44
CA LEU A 135 7.22 4.19 -10.66
C LEU A 135 8.61 3.72 -10.23
N LYS A 136 8.75 3.38 -8.93
CA LYS A 136 10.01 2.92 -8.38
C LYS A 136 9.92 1.43 -8.05
N CYS A 137 11.09 0.81 -8.04
CA CYS A 137 11.34 -0.60 -7.92
C CYS A 137 12.42 -0.85 -6.88
N LEU A 138 12.30 -1.98 -6.19
CA LEU A 138 13.27 -2.41 -5.24
C LEU A 138 13.40 -3.91 -5.31
N ASP A 139 14.62 -4.41 -5.38
CA ASP A 139 14.88 -5.85 -5.24
C ASP A 139 15.25 -6.14 -3.80
N ALA A 140 14.54 -7.06 -3.18
CA ALA A 140 14.74 -7.30 -1.79
C ALA A 140 14.41 -8.74 -1.45
N PRO A 141 15.07 -9.29 -0.41
CA PRO A 141 14.86 -10.70 -0.08
C PRO A 141 13.78 -10.89 1.00
N VAL A 142 13.15 -12.05 0.92
CA VAL A 142 12.25 -12.50 1.98
C VAL A 142 13.05 -12.83 3.20
N LEU A 143 12.59 -12.40 4.36
CA LEU A 143 13.24 -12.75 5.65
C LEU A 143 12.62 -14.00 6.21
N THR A 144 13.38 -14.68 7.05
CA THR A 144 12.77 -15.76 7.80
C THR A 144 11.66 -15.22 8.69
N GLN A 145 10.71 -16.07 8.99
CA GLN A 145 9.68 -15.66 9.92
C GLN A 145 10.27 -15.38 11.30
N ALA A 146 11.27 -16.14 11.72
CA ALA A 146 11.91 -15.88 12.99
C ALA A 146 12.50 -14.46 13.02
N GLU A 147 13.20 -14.03 11.95
CA GLU A 147 13.81 -12.71 12.00
C GLU A 147 12.75 -11.62 11.88
N CYS A 148 11.67 -11.87 11.14
CA CYS A 148 10.54 -10.94 11.05
C CYS A 148 9.93 -10.71 12.46
N LYS A 149 9.67 -11.83 13.16
CA LYS A 149 9.13 -11.74 14.50
C LYS A 149 10.09 -11.04 15.46
N ALA A 150 11.38 -11.34 15.33
CA ALA A 150 12.39 -10.73 16.21
C ALA A 150 12.44 -9.23 16.00
N SER A 151 12.15 -8.78 14.78
CA SER A 151 12.20 -7.38 14.46
C SER A 151 11.01 -6.61 15.00
N TYR A 152 9.88 -7.29 15.10
CA TYR A 152 8.60 -6.73 15.57
C TYR A 152 7.97 -7.63 16.59
N PRO A 153 8.55 -7.74 17.78
CA PRO A 153 8.06 -8.76 18.73
C PRO A 153 6.61 -8.62 19.08
N GLY A 154 5.91 -9.76 18.94
CA GLY A 154 4.50 -9.83 19.25
C GLY A 154 3.56 -9.37 18.11
N LYS A 155 4.10 -8.74 17.06
CA LYS A 155 3.27 -8.05 16.11
C LYS A 155 3.00 -8.81 14.79
N ILE A 156 3.74 -9.88 14.55
CA ILE A 156 3.67 -10.52 13.25
C ILE A 156 2.67 -11.67 13.34
N THR A 157 1.57 -11.52 12.67
CA THR A 157 0.52 -12.54 12.67
C THR A 157 0.82 -13.54 11.55
N ASN A 158 -0.05 -14.56 11.45
CA ASN A 158 0.07 -15.53 10.39
C ASN A 158 -0.22 -15.00 9.01
N SER A 159 -0.81 -13.80 8.89
CA SER A 159 -1.04 -13.20 7.60
C SER A 159 0.15 -12.42 7.05
N MET A 160 1.23 -12.29 7.83
CA MET A 160 2.27 -11.32 7.55
C MET A 160 3.61 -12.02 7.31
N PHE A 161 4.46 -11.39 6.50
CA PHE A 161 5.85 -11.80 6.37
C PHE A 161 6.69 -10.55 6.06
N CYS A 162 7.99 -10.65 6.28
CA CYS A 162 8.87 -9.52 6.08
C CYS A 162 9.73 -9.69 4.84
N VAL A 163 10.00 -8.59 4.17
CA VAL A 163 10.85 -8.56 3.01
C VAL A 163 11.68 -7.28 3.14
N GLY A 164 12.99 -7.38 2.89
CA GLY A 164 13.78 -6.18 3.01
C GLY A 164 15.13 -6.46 3.63
N PHE A 165 15.60 -5.47 4.39
CA PHE A 165 17.01 -5.41 4.86
C PHE A 165 17.07 -4.90 6.27
N LEU A 166 17.75 -5.58 7.15
CA LEU A 166 17.88 -5.07 8.50
C LEU A 166 18.87 -3.89 8.61
N GLU A 167 19.73 -3.72 7.65
CA GLU A 167 20.70 -2.58 7.73
C GLU A 167 20.12 -1.26 7.45
N GLY A 168 18.87 -1.24 6.98
CA GLY A 168 18.21 0.05 6.68
C GLY A 168 18.52 0.59 5.31
N GLY A 169 17.78 1.59 4.89
CA GLY A 169 18.04 2.27 3.63
C GLY A 169 17.26 1.79 2.44
N LYS A 170 16.63 0.64 2.53
CA LYS A 170 15.88 0.07 1.38
C LYS A 170 14.58 -0.53 1.89
N ASP A 171 13.46 0.02 1.46
CA ASP A 171 12.14 -0.42 1.94
C ASP A 171 11.02 0.20 1.12
N SER A 172 9.80 -0.27 1.33
CA SER A 172 8.61 0.44 0.85
C SER A 172 8.27 1.53 1.88
N CYS A 173 7.30 2.38 1.56
CA CYS A 173 6.99 3.50 2.42
C CYS A 173 5.58 4.03 2.12
N GLN A 174 5.17 5.12 2.77
CA GLN A 174 3.82 5.62 2.55
C GLN A 174 3.54 5.91 1.08
N ARG A 175 2.34 5.52 0.67
CA ARG A 175 1.81 5.53 -0.71
C ARG A 175 2.19 4.29 -1.47
N ASP A 176 3.02 3.41 -0.92
CA ASP A 176 3.26 2.07 -1.54
C ASP A 176 2.25 1.03 -1.13
N ALA A 177 1.51 1.25 -0.01
CA ALA A 177 0.62 0.21 0.50
C ALA A 177 -0.31 -0.29 -0.56
N GLY A 178 -0.60 -1.58 -0.51
CA GLY A 178 -1.51 -2.22 -1.42
C GLY A 178 -0.80 -2.74 -2.67
N GLY A 179 0.41 -2.27 -2.93
CA GLY A 179 1.15 -2.66 -4.11
C GLY A 179 1.82 -4.03 -3.97
N PRO A 180 2.44 -4.46 -5.06
CA PRO A 180 2.96 -5.81 -5.17
C PRO A 180 4.34 -6.07 -4.60
N VAL A 181 4.47 -7.30 -4.12
CA VAL A 181 5.78 -7.96 -3.96
C VAL A 181 5.70 -9.21 -4.85
N VAL A 182 6.51 -9.25 -5.89
CA VAL A 182 6.50 -10.34 -6.87
C VAL A 182 7.79 -11.15 -6.71
N CYS A 183 7.63 -12.47 -6.64
CA CYS A 183 8.77 -13.33 -6.52
C CYS A 183 8.54 -14.50 -7.41
N ASN A 184 9.53 -14.84 -8.22
CA ASN A 184 9.44 -16.02 -9.12
C ASN A 184 8.15 -15.92 -9.95
N GLY A 185 7.83 -14.73 -10.46
CA GLY A 185 6.70 -14.59 -11.34
C GLY A 185 5.33 -14.70 -10.71
N GLN A 186 5.26 -14.58 -9.39
CA GLN A 186 4.01 -14.73 -8.67
C GLN A 186 3.83 -13.58 -7.68
N LEU A 187 2.59 -13.14 -7.52
CA LEU A 187 2.28 -12.15 -6.51
C LEU A 187 2.28 -12.79 -5.12
N GLN A 188 3.33 -12.47 -4.36
CA GLN A 188 3.49 -13.09 -3.04
C GLN A 188 3.11 -12.18 -1.90
N GLY A 189 3.18 -10.86 -2.09
CA GLY A 189 2.94 -9.96 -1.01
C GLY A 189 2.14 -8.72 -1.41
N VAL A 190 1.50 -8.14 -0.40
CA VAL A 190 0.85 -6.86 -0.50
C VAL A 190 1.55 -5.93 0.48
N VAL A 191 2.04 -4.79 0.02
CA VAL A 191 2.70 -3.81 0.93
C VAL A 191 1.69 -3.42 2.01
N SER A 192 2.11 -3.54 3.28
CA SER A 192 1.22 -3.33 4.42
C SER A 192 1.77 -2.26 5.39
N TRP A 193 2.79 -2.57 6.16
CA TRP A 193 3.22 -1.66 7.21
C TRP A 193 4.67 -1.81 7.54
N GLY A 194 5.15 -0.93 8.40
CA GLY A 194 6.48 -1.06 9.00
C GLY A 194 6.61 0.05 10.03
N HIS A 195 7.67 -0.01 10.84
CA HIS A 195 7.96 1.10 11.77
C HIS A 195 8.92 2.03 11.11
N GLY A 196 8.43 3.23 10.76
CA GLY A 196 9.21 4.09 9.86
C GLY A 196 9.27 3.47 8.49
N CYS A 197 10.22 3.96 7.70
CA CYS A 197 10.48 3.41 6.35
C CYS A 197 11.97 3.30 6.24
N ALA A 198 12.47 2.10 5.96
CA ALA A 198 13.89 1.89 5.77
C ALA A 198 14.73 2.18 6.99
N TRP A 199 14.14 2.08 8.18
CA TRP A 199 14.87 2.22 9.42
C TRP A 199 15.64 0.94 9.71
N LYS A 200 16.79 1.05 10.37
CA LYS A 200 17.55 -0.08 10.74
C LYS A 200 16.75 -1.03 11.62
N ASN A 201 16.84 -2.30 11.34
CA ASN A 201 16.19 -3.36 12.10
C ASN A 201 14.68 -3.39 12.02
N ARG A 202 14.11 -2.66 11.09
CA ARG A 202 12.65 -2.50 10.97
CA ARG A 202 12.64 -2.54 10.96
C ARG A 202 12.30 -2.72 9.50
N PRO A 203 12.31 -3.99 9.04
CA PRO A 203 11.99 -4.27 7.63
C PRO A 203 10.52 -4.06 7.31
N GLY A 204 10.18 -4.08 6.04
CA GLY A 204 8.80 -3.98 5.63
C GLY A 204 8.03 -5.24 5.98
N VAL A 205 6.75 -5.05 6.30
CA VAL A 205 5.83 -6.13 6.62
C VAL A 205 4.76 -6.15 5.52
N TYR A 206 4.47 -7.35 5.02
CA TYR A 206 3.65 -7.57 3.83
C TYR A 206 2.62 -8.67 4.13
N THR A 207 1.47 -8.56 3.48
CA THR A 207 0.46 -9.60 3.62
C THR A 207 0.83 -10.76 2.67
N LYS A 208 0.77 -11.98 3.22
CA LYS A 208 1.09 -13.22 2.51
C LYS A 208 -0.06 -13.64 1.61
N VAL A 209 0.06 -13.32 0.33
CA VAL A 209 -1.02 -13.53 -0.64
C VAL A 209 -1.38 -14.99 -0.76
N TYR A 210 -0.39 -15.88 -0.60
CA TYR A 210 -0.67 -17.32 -0.73
C TYR A 210 -1.80 -17.73 0.21
N ASN A 211 -1.88 -17.17 1.41
CA ASN A 211 -2.89 -17.57 2.38
C ASN A 211 -4.31 -17.23 1.94
N TYR A 212 -4.46 -16.43 0.89
CA TYR A 212 -5.74 -15.87 0.45
C TYR A 212 -6.09 -16.36 -0.96
N VAL A 213 -5.37 -17.32 -1.50
CA VAL A 213 -5.71 -17.75 -2.88
C VAL A 213 -7.16 -18.20 -2.98
N ASP A 214 -7.61 -19.06 -2.07
CA ASP A 214 -8.99 -19.53 -2.12
C ASP A 214 -9.99 -18.41 -1.89
N TRP A 215 -9.69 -17.55 -0.92
CA TRP A 215 -10.58 -16.40 -0.68
C TRP A 215 -10.70 -15.54 -1.91
N ILE A 216 -9.59 -15.30 -2.60
CA ILE A 216 -9.60 -14.44 -3.81
C ILE A 216 -10.44 -15.11 -4.90
N LYS A 217 -10.15 -16.38 -5.19
CA LYS A 217 -10.86 -17.07 -6.27
C LYS A 217 -12.32 -17.17 -6.00
N ASP A 218 -12.71 -17.50 -4.74
CA ASP A 218 -14.12 -17.63 -4.37
C ASP A 218 -14.81 -16.27 -4.37
N THR A 219 -14.12 -15.21 -3.95
CA THR A 219 -14.72 -13.89 -3.97
C THR A 219 -14.95 -13.42 -5.40
N ILE A 220 -14.00 -13.65 -6.30
CA ILE A 220 -14.17 -13.29 -7.68
C ILE A 220 -15.42 -14.02 -8.24
N ALA A 221 -15.53 -15.32 -7.97
CA ALA A 221 -16.63 -16.11 -8.52
C ALA A 221 -17.94 -15.62 -8.02
N ALA A 222 -18.01 -15.25 -6.74
CA ALA A 222 -19.25 -14.79 -6.10
C ALA A 222 -19.71 -13.43 -6.52
N ASN A 223 -18.87 -12.68 -7.19
CA ASN A 223 -19.15 -11.31 -7.57
C ASN A 223 -18.97 -11.12 -9.05
N SER A 224 -19.26 -12.17 -9.80
CA SER A 224 -19.41 -12.10 -11.25
C SER A 224 -20.43 -13.10 -11.74
N ARG B 1 -9.99 22.44 22.27
CA ARG B 1 -8.92 22.80 23.24
C ARG B 1 -8.46 21.62 24.15
N PRO B 2 -8.85 20.37 23.83
CA PRO B 2 -8.37 19.24 24.62
C PRO B 2 -6.89 19.03 24.49
N ASP B 3 -6.36 18.38 25.51
CA ASP B 3 -4.92 18.09 25.60
C ASP B 3 -4.32 17.41 24.34
N PHE B 4 -5.09 16.51 23.69
CA PHE B 4 -4.51 15.81 22.58
C PHE B 4 -4.30 16.69 21.37
N CYS B 5 -4.87 17.88 21.33
CA CYS B 5 -4.57 18.85 20.29
C CYS B 5 -3.12 19.29 20.28
N LEU B 6 -2.45 19.05 21.40
CA LEU B 6 -1.07 19.41 21.51
C LEU B 6 -0.13 18.27 21.19
N GLU B 7 -0.65 17.11 20.86
CA GLU B 7 0.19 15.97 20.47
C GLU B 7 0.81 16.21 19.09
N PRO B 8 2.05 15.74 18.88
CA PRO B 8 2.54 15.79 17.50
C PRO B 8 1.70 14.83 16.59
N PRO B 9 1.64 15.13 15.31
CA PRO B 9 0.87 14.26 14.41
C PRO B 9 1.59 12.92 14.24
N TYR B 10 0.82 11.93 13.91
CA TYR B 10 1.27 10.55 13.85
C TYR B 10 0.85 9.84 12.55
N THR B 11 1.81 9.66 11.66
CA THR B 11 1.53 8.96 10.43
C THR B 11 1.17 7.52 10.72
N GLY B 12 1.86 6.89 11.66
CA GLY B 12 1.59 5.49 12.00
C GLY B 12 2.28 4.56 11.04
N PRO B 13 2.09 3.26 11.26
CA PRO B 13 2.92 2.24 10.59
C PRO B 13 2.42 1.87 9.22
N CYS B 14 1.14 2.11 8.93
CA CYS B 14 0.60 1.68 7.64
C CYS B 14 1.12 2.56 6.52
N ARG B 15 1.10 2.02 5.32
CA ARG B 15 1.78 2.60 4.19
C ARG B 15 0.92 3.17 3.09
N ALA B 16 -0.31 3.53 3.43
CA ALA B 16 -1.14 4.46 2.51
C ALA B 16 -0.70 5.91 2.68
N ASP B 17 -1.33 6.75 1.84
CA ASP B 17 -1.21 8.21 2.04
C ASP B 17 -2.57 8.81 2.04
N ILE B 18 -3.13 8.87 3.26
CA ILE B 18 -4.48 9.40 3.48
C ILE B 18 -4.30 10.82 3.97
N ILE B 19 -5.00 11.75 3.35
CA ILE B 19 -4.85 13.15 3.76
C ILE B 19 -5.71 13.38 5.03
N ARG B 20 -5.06 13.82 6.07
CA ARG B 20 -5.75 14.11 7.34
C ARG B 20 -5.19 15.45 7.87
N TYR B 21 -5.89 16.01 8.84
CA TYR B 21 -5.55 17.25 9.52
C TYR B 21 -5.11 17.04 10.94
N PHE B 22 -4.18 17.87 11.44
CA PHE B 22 -3.82 17.89 12.86
C PHE B 22 -3.79 19.35 13.29
N TYR B 23 -4.01 19.58 14.56
CA TYR B 23 -3.80 20.91 15.07
C TYR B 23 -2.33 21.12 15.42
N ASN B 24 -1.75 22.14 14.79
CA ASN B 24 -0.38 22.51 15.04
C ASN B 24 -0.38 23.65 15.98
N ALA B 25 -0.15 23.33 17.25
CA ALA B 25 -0.25 24.33 18.32
C ALA B 25 0.82 25.41 18.19
N LYS B 26 1.94 25.11 17.54
CA LYS B 26 2.96 26.18 17.25
C LYS B 26 2.44 27.19 16.24
N ALA B 27 1.78 26.78 15.16
CA ALA B 27 1.23 27.71 14.18
C ALA B 27 -0.13 28.26 14.58
N GLY B 28 -0.85 27.60 15.52
CA GLY B 28 -2.18 28.04 15.86
C GLY B 28 -3.15 27.68 14.75
N LEU B 29 -2.87 26.61 14.02
CA LEU B 29 -3.60 26.34 12.81
C LEU B 29 -3.74 24.79 12.66
N CYS B 30 -4.82 24.36 12.03
CA CYS B 30 -4.96 22.98 11.56
C CYS B 30 -4.21 22.89 10.25
N GLN B 31 -3.45 21.82 10.09
CA GLN B 31 -2.59 21.62 8.93
C GLN B 31 -2.67 20.17 8.50
N THR B 32 -2.38 19.87 7.26
CA THR B 32 -2.41 18.51 6.76
C THR B 32 -1.14 17.75 7.12
N PHE B 33 -1.33 16.43 7.16
CA PHE B 33 -0.22 15.47 7.30
C PHE B 33 -0.61 14.22 6.56
N VAL B 34 0.38 13.38 6.36
CA VAL B 34 0.16 12.07 5.71
C VAL B 34 -0.14 11.04 6.79
N TYR B 35 -1.36 10.54 6.77
CA TYR B 35 -1.76 9.45 7.68
C TYR B 35 -1.66 8.14 6.91
N GLY B 36 -0.95 7.19 7.52
CA GLY B 36 -0.71 5.92 6.82
C GLY B 36 -1.88 5.02 6.70
N GLY B 37 -2.99 5.28 7.43
CA GLY B 37 -4.22 4.53 7.25
C GLY B 37 -4.57 3.62 8.41
N CYS B 38 -3.73 3.48 9.43
CA CYS B 38 -4.12 2.72 10.65
C CYS B 38 -3.49 3.30 11.87
N ARG B 39 -4.08 2.95 13.00
CA ARG B 39 -3.51 3.18 14.32
C ARG B 39 -3.41 4.69 14.62
N ALA B 40 -4.36 5.44 14.12
CA ALA B 40 -4.43 6.89 14.38
C ALA B 40 -4.35 7.24 15.84
N LYS B 41 -3.69 8.34 16.15
CA LYS B 41 -3.79 9.01 17.43
C LYS B 41 -4.90 10.05 17.33
N ARG B 42 -5.15 10.75 18.43
CA ARG B 42 -6.35 11.57 18.48
C ARG B 42 -6.25 12.86 17.69
N ASN B 43 -5.05 13.42 17.52
CA ASN B 43 -4.88 14.68 16.75
C ASN B 43 -4.83 14.35 15.26
N ASN B 44 -5.99 13.94 14.75
CA ASN B 44 -6.11 13.37 13.42
C ASN B 44 -7.57 13.51 13.03
N PHE B 45 -7.84 14.37 12.08
CA PHE B 45 -9.19 14.73 11.70
C PHE B 45 -9.35 14.57 10.18
N LYS B 46 -10.60 14.30 9.76
CA LYS B 46 -10.91 14.10 8.34
C LYS B 46 -11.11 15.38 7.58
N SER B 47 -11.26 16.50 8.27
CA SER B 47 -11.38 17.77 7.58
C SER B 47 -10.79 18.85 8.44
N ALA B 48 -10.50 20.01 7.80
CA ALA B 48 -10.09 21.14 8.60
C ALA B 48 -11.19 21.63 9.53
N GLU B 49 -12.44 21.57 9.09
CA GLU B 49 -13.55 21.99 9.95
C GLU B 49 -13.64 21.15 11.23
N ASP B 50 -13.43 19.85 11.13
CA ASP B 50 -13.47 19.00 12.31
C ASP B 50 -12.34 19.33 13.27
N CYS B 51 -11.14 19.56 12.70
CA CYS B 51 -9.97 19.94 13.48
C CYS B 51 -10.18 21.29 14.15
N MET B 52 -10.75 22.26 13.46
CA MET B 52 -10.95 23.59 14.04
C MET B 52 -12.02 23.57 15.07
N ARG B 53 -13.03 22.75 14.87
CA ARG B 53 -14.10 22.62 15.89
C ARG B 53 -13.51 22.10 17.18
N THR B 54 -12.67 21.07 17.11
CA THR B 54 -12.18 20.45 18.31
C THR B 54 -11.02 21.20 18.93
N CYS B 55 -10.12 21.65 18.07
CA CYS B 55 -8.86 22.22 18.53
C CYS B 55 -8.65 23.72 18.31
N GLY B 56 -9.53 24.33 17.55
CA GLY B 56 -9.48 25.78 17.39
C GLY B 56 -8.46 26.27 16.39
N GLY B 57 -7.77 27.37 16.76
CA GLY B 57 -7.98 28.05 18.05
C GLY B 57 -6.84 27.93 19.06
N ALA B 58 -6.94 26.90 19.93
CA ALA B 58 -5.87 26.53 20.87
C ALA B 58 -5.77 24.98 20.97
CA CA C . 0.87 8.79 -16.80
#